data_5C03
#
_entry.id   5C03
#
_cell.length_a   56.120
_cell.length_b   47.690
_cell.length_c   112.750
_cell.angle_alpha   90.000
_cell.angle_beta   93.720
_cell.angle_gamma   90.000
#
_symmetry.space_group_name_H-M   'P 1 21 1'
#
loop_
_entity.id
_entity.type
_entity.pdbx_description
1 polymer 'Non-receptor tyrosine-protein kinase TYK2'
2 non-polymer 'PHOSPHOTHIOPHOSPHORIC ACID-ADENYLATE ESTER'
3 non-polymer 'MAGNESIUM ION'
4 non-polymer GLYCEROL
5 non-polymer 1,2-ETHANEDIOL
6 water water
#
_entity_poly.entity_id   1
_entity_poly.type   'polypeptide(L)'
_entity_poly.pdbx_seq_one_letter_code
;MSYYHHHHHHDYDIPTTENLYFQGAMGETSNLIIMRGARASPRTLNLSQLSFHRVDQKEITQLSHLGQGTRTNVYEGRLR
VEGSGDPEEGKMDDEDPLVPGRDRGQELRVVLKVLDPSHHDIALAFYETASLMSQVSHTHLAFVHGVCVRGPENIMVTEY
VEHGPLDVWLRRERGHVPMAWKMVVAQQLASALSYLENKNLVHGNVCGRNILLARLGLAEGTSPFIKLSDPGVGLGALSR
EERVERIPWLAPECLPGGANSLSTAMDKWGFGATLLEICFDGEAPLQSRSPSEKEHFYQRQHRLPEPSCPQLATLTSQCL
TYEPTQRPSFRTILRDLTRLQP
;
_entity_poly.pdbx_strand_id   A,B
#
loop_
_chem_comp.id
_chem_comp.type
_chem_comp.name
_chem_comp.formula
AGS non-polymer 'PHOSPHOTHIOPHOSPHORIC ACID-ADENYLATE ESTER' 'C10 H16 N5 O12 P3 S'
EDO non-polymer 1,2-ETHANEDIOL 'C2 H6 O2'
GOL non-polymer GLYCEROL 'C3 H8 O3'
MG non-polymer 'MAGNESIUM ION' 'Mg 2'
#
# COMPACT_ATOMS: atom_id res chain seq x y z
N LEU A 50 13.68 -36.75 6.26
CA LEU A 50 14.37 -38.06 6.44
C LEU A 50 14.53 -38.81 5.12
N SER A 51 13.47 -38.83 4.30
CA SER A 51 13.47 -39.56 3.04
C SER A 51 14.02 -38.75 1.86
N PHE A 52 15.34 -38.56 1.83
CA PHE A 52 16.03 -37.89 0.72
C PHE A 52 17.36 -38.57 0.44
N HIS A 53 17.84 -38.43 -0.80
CA HIS A 53 19.11 -39.05 -1.18
C HIS A 53 20.30 -38.22 -0.69
N ARG A 54 21.21 -38.89 0.02
CA ARG A 54 22.42 -38.23 0.49
C ARG A 54 23.45 -38.29 -0.61
N VAL A 55 23.77 -37.11 -1.14
CA VAL A 55 24.78 -36.95 -2.18
C VAL A 55 26.17 -36.88 -1.51
N ASP A 56 27.11 -37.65 -2.05
CA ASP A 56 28.47 -37.66 -1.54
C ASP A 56 29.23 -36.47 -2.09
N GLN A 57 30.00 -35.81 -1.23
CA GLN A 57 30.81 -34.65 -1.61
C GLN A 57 31.71 -34.94 -2.80
N LYS A 58 32.24 -36.16 -2.89
CA LYS A 58 33.09 -36.52 -4.03
C LYS A 58 32.33 -36.51 -5.36
N GLU A 59 31.00 -36.68 -5.32
CA GLU A 59 30.21 -36.68 -6.53
C GLU A 59 29.91 -35.26 -7.07
N ILE A 60 30.19 -34.22 -6.28
CA ILE A 60 29.87 -32.86 -6.71
C ILE A 60 31.10 -32.00 -6.92
N THR A 61 31.00 -31.12 -7.91
CA THR A 61 32.00 -30.11 -8.18
C THR A 61 31.34 -28.74 -8.13
N GLN A 62 31.94 -27.82 -7.37
CA GLN A 62 31.39 -26.50 -7.17
C GLN A 62 32.06 -25.53 -8.14
N LEU A 63 31.26 -24.81 -8.92
CA LEU A 63 31.77 -23.84 -9.87
C LEU A 63 31.36 -22.46 -9.37
N SER A 64 30.88 -21.61 -10.26
CA SER A 64 30.70 -20.21 -9.99
C SER A 64 29.54 -19.86 -9.05
N HIS A 65 29.75 -18.83 -8.23
CA HIS A 65 28.72 -18.26 -7.38
C HIS A 65 27.68 -17.56 -8.24
N LEU A 66 26.42 -17.92 -8.06
CA LEU A 66 25.31 -17.36 -8.85
C LEU A 66 24.55 -16.28 -8.12
N GLY A 67 24.49 -16.37 -6.80
CA GLY A 67 23.74 -15.42 -6.02
C GLY A 67 23.45 -15.88 -4.61
N GLN A 68 23.06 -14.94 -3.75
CA GLN A 68 22.56 -15.28 -2.42
C GLN A 68 21.08 -15.55 -2.52
N GLY A 69 20.62 -16.59 -1.83
CA GLY A 69 19.19 -16.86 -1.71
C GLY A 69 18.78 -16.73 -0.26
N THR A 70 17.62 -17.26 0.09
CA THR A 70 17.11 -17.23 1.46
C THR A 70 17.88 -18.21 2.33
N ARG A 71 18.75 -17.67 3.18
CA ARG A 71 19.63 -18.43 4.06
C ARG A 71 20.62 -19.28 3.27
N THR A 72 20.96 -18.88 2.05
CA THR A 72 21.80 -19.67 1.15
C THR A 72 22.73 -18.84 0.30
N ASN A 73 23.73 -19.53 -0.23
CA ASN A 73 24.49 -19.06 -1.38
C ASN A 73 24.38 -20.12 -2.44
N VAL A 74 24.10 -19.71 -3.67
CA VAL A 74 23.85 -20.67 -4.76
C VAL A 74 25.03 -20.65 -5.73
N TYR A 75 25.51 -21.83 -6.09
CA TYR A 75 26.62 -22.02 -7.04
C TYR A 75 26.20 -22.94 -8.18
N GLU A 76 26.75 -22.71 -9.36
CA GLU A 76 26.65 -23.71 -10.40
C GLU A 76 27.56 -24.86 -10.00
N GLY A 77 27.17 -26.06 -10.41
CA GLY A 77 28.01 -27.22 -10.21
C GLY A 77 27.81 -28.32 -11.20
N ARG A 78 28.49 -29.43 -10.90
CA ARG A 78 28.32 -30.68 -11.63
C ARG A 78 28.09 -31.81 -10.64
N LEU A 79 27.24 -32.76 -11.03
CA LEU A 79 26.96 -33.93 -10.20
C LEU A 79 27.30 -35.18 -11.05
N ARG A 80 28.28 -35.96 -10.59
CA ARG A 80 28.74 -37.14 -11.32
C ARG A 80 27.67 -38.22 -11.35
N GLU A 107 27.95 -36.82 -15.99
CA GLU A 107 27.81 -35.58 -15.22
C GLU A 107 26.53 -34.81 -15.56
N LEU A 108 25.82 -34.39 -14.51
CA LEU A 108 24.63 -33.56 -14.65
C LEU A 108 24.97 -32.13 -14.29
N ARG A 109 24.32 -31.20 -14.96
CA ARG A 109 24.46 -29.80 -14.62
C ARG A 109 23.50 -29.50 -13.48
N VAL A 110 24.02 -28.94 -12.41
CA VAL A 110 23.23 -28.68 -11.21
C VAL A 110 23.50 -27.29 -10.63
N VAL A 111 22.64 -26.88 -9.70
CA VAL A 111 22.98 -25.82 -8.79
C VAL A 111 23.16 -26.44 -7.40
N LEU A 112 24.05 -25.81 -6.64
CA LEU A 112 24.34 -26.22 -5.27
C LEU A 112 23.88 -25.10 -4.36
N LYS A 113 22.90 -25.40 -3.52
CA LYS A 113 22.37 -24.41 -2.61
C LYS A 113 22.99 -24.65 -1.21
N VAL A 114 23.98 -23.84 -0.89
CA VAL A 114 24.75 -24.00 0.36
C VAL A 114 24.04 -23.23 1.45
N LEU A 115 23.46 -23.95 2.41
CA LEU A 115 22.82 -23.35 3.57
C LEU A 115 23.83 -22.54 4.43
N ASP A 116 23.40 -21.37 4.88
CA ASP A 116 24.16 -20.59 5.86
C ASP A 116 24.32 -21.41 7.13
N PRO A 117 25.30 -21.05 7.98
CA PRO A 117 25.35 -21.66 9.33
C PRO A 117 24.06 -21.33 10.03
N SER A 118 23.35 -22.35 10.44
CA SER A 118 21.97 -22.19 10.84
C SER A 118 21.65 -22.98 12.09
N HIS A 119 20.58 -22.55 12.74
CA HIS A 119 19.98 -23.34 13.81
C HIS A 119 19.43 -24.63 13.23
N HIS A 120 19.49 -25.71 14.01
CA HIS A 120 19.11 -27.03 13.50
C HIS A 120 17.70 -27.08 12.88
N ASP A 121 16.78 -26.25 13.39
CA ASP A 121 15.43 -26.16 12.85
C ASP A 121 15.34 -25.64 11.40
N ILE A 122 16.27 -24.76 11.03
CA ILE A 122 16.37 -24.30 9.64
C ILE A 122 16.90 -25.43 8.79
N ALA A 123 17.92 -26.13 9.28
CA ALA A 123 18.49 -27.25 8.54
C ALA A 123 17.43 -28.33 8.31
N LEU A 124 16.61 -28.57 9.34
CA LEU A 124 15.51 -29.55 9.25
C LEU A 124 14.46 -29.15 8.19
N ALA A 125 14.10 -27.87 8.17
CA ALA A 125 13.20 -27.35 7.15
C ALA A 125 13.81 -27.47 5.74
N PHE A 126 15.12 -27.25 5.63
CA PHE A 126 15.86 -27.45 4.38
C PHE A 126 15.78 -28.91 3.91
N TYR A 127 16.07 -29.82 4.84
CA TYR A 127 15.91 -31.25 4.58
C TYR A 127 14.47 -31.63 4.19
N GLU A 128 13.50 -31.03 4.87
CA GLU A 128 12.09 -31.30 4.60
C GLU A 128 11.72 -30.98 3.15
N THR A 129 12.15 -29.82 2.67
CA THR A 129 11.94 -29.45 1.27
C THR A 129 12.55 -30.48 0.31
N ALA A 130 13.79 -30.85 0.57
CA ALA A 130 14.50 -31.80 -0.28
C ALA A 130 13.76 -33.13 -0.34
N SER A 131 13.31 -33.59 0.83
CA SER A 131 12.54 -34.82 0.94
C SER A 131 11.21 -34.76 0.22
N LEU A 132 10.45 -33.70 0.43
CA LEU A 132 9.14 -33.56 -0.20
C LEU A 132 9.28 -33.45 -1.75
N MET A 133 10.22 -32.63 -2.20
CA MET A 133 10.48 -32.44 -3.63
C MET A 133 11.04 -33.69 -4.33
N SER A 134 11.75 -34.54 -3.60
CA SER A 134 12.29 -35.76 -4.20
CA SER A 134 12.29 -35.79 -4.17
C SER A 134 11.20 -36.77 -4.53
N GLN A 135 10.01 -36.60 -3.94
CA GLN A 135 8.92 -37.55 -4.11
C GLN A 135 7.78 -37.09 -5.05
N VAL A 136 7.96 -35.96 -5.71
CA VAL A 136 7.02 -35.50 -6.71
C VAL A 136 7.69 -35.44 -8.05
N SER A 137 6.88 -35.45 -9.11
CA SER A 137 7.38 -35.39 -10.47
C SER A 137 6.39 -34.61 -11.30
N HIS A 138 6.91 -33.72 -12.13
CA HIS A 138 6.09 -33.00 -13.07
C HIS A 138 6.98 -32.41 -14.14
N THR A 139 6.47 -32.34 -15.36
CA THR A 139 7.24 -31.78 -16.47
C THR A 139 7.66 -30.30 -16.18
N HIS A 140 6.88 -29.56 -15.40
CA HIS A 140 7.22 -28.18 -15.03
C HIS A 140 7.71 -28.00 -13.59
N LEU A 141 8.21 -29.07 -12.98
CA LEU A 141 8.94 -28.96 -11.68
C LEU A 141 10.39 -29.34 -11.88
N ALA A 142 11.29 -28.46 -11.42
CA ALA A 142 12.72 -28.72 -11.48
C ALA A 142 13.09 -29.89 -10.56
N PHE A 143 14.03 -30.73 -10.98
CA PHE A 143 14.40 -31.92 -10.18
C PHE A 143 15.19 -31.49 -8.94
N VAL A 144 14.98 -32.20 -7.83
CA VAL A 144 15.88 -32.12 -6.70
C VAL A 144 16.64 -33.45 -6.60
N HIS A 145 17.96 -33.40 -6.69
CA HIS A 145 18.78 -34.59 -6.66
C HIS A 145 19.04 -35.12 -5.24
N GLY A 146 19.08 -34.23 -4.26
CA GLY A 146 19.30 -34.61 -2.88
C GLY A 146 20.06 -33.54 -2.13
N VAL A 147 20.60 -33.95 -0.96
CA VAL A 147 21.34 -33.05 -0.08
C VAL A 147 22.70 -33.68 0.24
N CYS A 148 23.75 -32.87 0.09
CA CYS A 148 25.09 -33.26 0.46
C CYS A 148 25.40 -32.65 1.81
N VAL A 149 25.84 -33.52 2.72
CA VAL A 149 26.35 -33.09 3.98
C VAL A 149 27.88 -33.20 3.88
N ARG A 150 28.54 -32.05 3.95
CA ARG A 150 29.97 -31.97 3.80
C ARG A 150 30.51 -31.35 5.09
N GLY A 151 30.77 -32.20 6.08
CA GLY A 151 31.22 -31.74 7.39
C GLY A 151 30.06 -31.02 8.07
N PRO A 152 30.20 -29.68 8.32
CA PRO A 152 29.12 -28.92 8.92
C PRO A 152 28.15 -28.32 7.88
N GLU A 153 28.48 -28.48 6.60
CA GLU A 153 27.72 -27.87 5.51
C GLU A 153 26.48 -28.70 5.12
N ASN A 154 25.43 -28.01 4.65
CA ASN A 154 24.25 -28.65 4.10
C ASN A 154 24.02 -28.03 2.72
N ILE A 155 24.04 -28.88 1.69
CA ILE A 155 24.01 -28.42 0.31
C ILE A 155 22.91 -29.16 -0.46
N MET A 156 21.84 -28.44 -0.84
CA MET A 156 20.81 -29.01 -1.69
C MET A 156 21.29 -28.99 -3.14
N VAL A 157 21.12 -30.10 -3.84
CA VAL A 157 21.59 -30.26 -5.20
C VAL A 157 20.36 -30.37 -6.10
N THR A 158 20.19 -29.42 -6.99
CA THR A 158 19.00 -29.36 -7.82
C THR A 158 19.38 -29.16 -9.29
N GLU A 159 18.42 -29.44 -10.18
CA GLU A 159 18.60 -29.28 -11.63
C GLU A 159 18.95 -27.83 -12.00
N TYR A 160 20.01 -27.66 -12.80
CA TYR A 160 20.31 -26.37 -13.42
C TYR A 160 19.34 -26.14 -14.58
N VAL A 161 18.62 -25.01 -14.57
CA VAL A 161 17.70 -24.69 -15.67
C VAL A 161 18.30 -23.59 -16.53
N GLU A 162 18.54 -23.95 -17.79
CA GLU A 162 19.46 -23.25 -18.67
C GLU A 162 19.40 -21.72 -18.64
N HIS A 163 18.24 -21.12 -18.84
CA HIS A 163 18.17 -19.66 -19.06
C HIS A 163 17.86 -18.85 -17.81
N GLY A 164 17.83 -19.53 -16.67
CA GLY A 164 17.69 -18.87 -15.38
C GLY A 164 16.31 -18.30 -15.07
N PRO A 165 16.26 -17.44 -14.04
CA PRO A 165 15.00 -16.92 -13.52
C PRO A 165 14.21 -16.07 -14.51
N LEU A 166 12.90 -16.29 -14.52
CA LEU A 166 11.99 -15.62 -15.42
C LEU A 166 11.92 -14.10 -15.19
N ASP A 167 11.95 -13.67 -13.94
CA ASP A 167 11.86 -12.24 -13.64
C ASP A 167 13.06 -11.45 -14.19
N VAL A 168 14.26 -12.01 -14.00
CA VAL A 168 15.52 -11.40 -14.49
C VAL A 168 15.48 -11.32 -16.01
N TRP A 169 15.05 -12.43 -16.62
CA TRP A 169 14.95 -12.49 -18.06
C TRP A 169 13.94 -11.49 -18.63
N LEU A 170 12.73 -11.45 -18.04
CA LEU A 170 11.70 -10.51 -18.49
C LEU A 170 12.15 -9.05 -18.37
N ARG A 171 12.81 -8.71 -17.28
CA ARG A 171 13.27 -7.33 -17.12
C ARG A 171 14.28 -6.99 -18.24
N ARG A 172 15.14 -7.92 -18.61
CA ARG A 172 16.12 -7.66 -19.65
C ARG A 172 15.49 -7.58 -21.04
N GLU A 173 14.40 -8.33 -21.24
CA GLU A 173 13.70 -8.41 -22.53
C GLU A 173 12.43 -7.56 -22.59
N ARG A 174 12.20 -6.67 -21.64
CA ARG A 174 10.89 -6.02 -21.53
C ARG A 174 10.54 -5.23 -22.79
N GLY A 175 9.24 -5.15 -23.06
CA GLY A 175 8.73 -4.53 -24.28
C GLY A 175 8.68 -5.46 -25.48
N HIS A 176 9.42 -6.57 -25.43
CA HIS A 176 9.55 -7.47 -26.58
C HIS A 176 8.87 -8.83 -26.36
N VAL A 177 8.11 -8.98 -25.28
CA VAL A 177 7.53 -10.27 -24.92
C VAL A 177 6.02 -10.26 -25.14
N PRO A 178 5.52 -11.01 -26.15
CA PRO A 178 4.09 -10.91 -26.45
C PRO A 178 3.20 -11.49 -25.36
N MET A 179 1.94 -11.05 -25.32
CA MET A 179 1.00 -11.58 -24.34
C MET A 179 0.80 -13.09 -24.52
N ALA A 180 0.82 -13.58 -25.77
CA ALA A 180 0.64 -15.00 -26.02
C ALA A 180 1.72 -15.84 -25.32
N TRP A 181 2.95 -15.34 -25.34
CA TRP A 181 4.07 -15.99 -24.67
C TRP A 181 3.80 -16.08 -23.18
N LYS A 182 3.35 -14.97 -22.59
CA LYS A 182 3.07 -14.94 -21.15
C LYS A 182 1.94 -15.88 -20.78
N MET A 183 0.97 -16.05 -21.66
CA MET A 183 -0.15 -16.95 -21.40
C MET A 183 0.27 -18.42 -21.43
N VAL A 184 1.22 -18.77 -22.29
CA VAL A 184 1.76 -20.12 -22.29
C VAL A 184 2.44 -20.40 -20.95
N VAL A 185 3.29 -19.47 -20.51
CA VAL A 185 4.01 -19.62 -19.25
C VAL A 185 3.05 -19.78 -18.06
N ALA A 186 2.00 -18.95 -18.04
CA ALA A 186 0.97 -19.01 -17.02
C ALA A 186 0.30 -20.36 -16.93
N GLN A 187 -0.04 -20.92 -18.10
CA GLN A 187 -0.69 -22.22 -18.17
C GLN A 187 0.24 -23.30 -17.63
N GLN A 188 1.52 -23.20 -17.97
CA GLN A 188 2.51 -24.18 -17.49
C GLN A 188 2.64 -24.17 -15.99
N LEU A 189 2.68 -22.99 -15.41
CA LEU A 189 2.78 -22.87 -13.98
C LEU A 189 1.52 -23.36 -13.29
N ALA A 190 0.36 -23.04 -13.85
CA ALA A 190 -0.92 -23.49 -13.31
C ALA A 190 -1.05 -25.01 -13.36
N SER A 191 -0.46 -25.63 -14.39
CA SER A 191 -0.43 -27.09 -14.52
C SER A 191 0.36 -27.73 -13.38
N ALA A 192 1.58 -27.26 -13.13
CA ALA A 192 2.39 -27.75 -12.03
C ALA A 192 1.70 -27.54 -10.66
N LEU A 193 1.05 -26.40 -10.48
CA LEU A 193 0.40 -26.14 -9.20
C LEU A 193 -0.89 -26.91 -9.03
N SER A 194 -1.57 -27.22 -10.13
CA SER A 194 -2.74 -28.10 -10.07
C SER A 194 -2.33 -29.49 -9.62
N TYR A 195 -1.18 -29.97 -10.09
CA TYR A 195 -0.65 -31.24 -9.63
C TYR A 195 -0.29 -31.19 -8.13
N LEU A 196 0.37 -30.14 -7.69
CA LEU A 196 0.73 -30.01 -6.28
C LEU A 196 -0.51 -29.89 -5.37
N GLU A 197 -1.54 -29.18 -5.83
CA GLU A 197 -2.83 -29.10 -5.14
C GLU A 197 -3.44 -30.49 -4.98
N ASN A 198 -3.41 -31.29 -6.05
CA ASN A 198 -3.89 -32.68 -6.01
C ASN A 198 -3.10 -33.54 -5.02
N LYS A 199 -1.80 -33.31 -4.91
CA LYS A 199 -0.94 -34.03 -3.98
C LYS A 199 -1.05 -33.44 -2.56
N ASN A 200 -1.81 -32.35 -2.44
CA ASN A 200 -1.94 -31.64 -1.19
C ASN A 200 -0.59 -31.20 -0.61
N LEU A 201 0.29 -30.72 -1.47
CA LEU A 201 1.61 -30.29 -1.07
C LEU A 201 1.78 -28.78 -1.23
N VAL A 202 2.06 -28.10 -0.13
CA VAL A 202 2.29 -26.66 -0.16
C VAL A 202 3.66 -26.33 -0.75
N HIS A 203 3.71 -25.35 -1.66
CA HIS A 203 4.98 -24.86 -2.16
C HIS A 203 5.45 -23.71 -1.29
N GLY A 204 4.71 -22.61 -1.31
CA GLY A 204 4.95 -21.49 -0.42
C GLY A 204 5.98 -20.47 -0.87
N ASN A 205 6.52 -20.64 -2.08
CA ASN A 205 7.49 -19.71 -2.64
C ASN A 205 7.32 -19.55 -4.15
N VAL A 206 6.07 -19.48 -4.59
CA VAL A 206 5.77 -19.22 -6.00
C VAL A 206 6.01 -17.74 -6.28
N CYS A 207 6.95 -17.48 -7.19
CA CYS A 207 7.34 -16.13 -7.58
C CYS A 207 8.15 -16.22 -8.86
N GLY A 208 8.28 -15.10 -9.56
CA GLY A 208 9.02 -15.07 -10.82
C GLY A 208 10.46 -15.53 -10.74
N ARG A 209 11.13 -15.27 -9.62
CA ARG A 209 12.53 -15.71 -9.41
C ARG A 209 12.64 -17.25 -9.36
N ASN A 210 11.56 -17.90 -8.93
CA ASN A 210 11.51 -19.37 -8.83
C ASN A 210 10.88 -20.09 -10.03
N ILE A 211 10.55 -19.33 -11.06
CA ILE A 211 10.11 -19.88 -12.36
C ILE A 211 11.35 -19.77 -13.23
N LEU A 212 11.88 -20.91 -13.67
CA LEU A 212 13.13 -20.92 -14.42
C LEU A 212 12.84 -21.28 -15.87
N LEU A 213 13.56 -20.65 -16.78
CA LEU A 213 13.35 -20.84 -18.22
C LEU A 213 14.27 -21.91 -18.83
N ALA A 214 13.67 -23.02 -19.23
CA ALA A 214 14.40 -24.11 -19.88
C ALA A 214 14.48 -23.86 -21.38
N ARG A 215 13.43 -23.27 -21.94
CA ARG A 215 13.38 -22.91 -23.37
C ARG A 215 12.80 -21.51 -23.49
N LEU A 216 13.38 -20.68 -24.35
CA LEU A 216 13.02 -19.26 -24.42
C LEU A 216 11.76 -19.03 -25.21
N GLY A 217 11.58 -19.79 -26.29
CA GLY A 217 10.37 -19.75 -27.06
C GLY A 217 10.04 -18.44 -27.76
N LEU A 218 11.04 -17.61 -28.03
CA LEU A 218 10.78 -16.37 -28.78
C LEU A 218 10.86 -16.62 -30.29
N ALA A 219 11.76 -17.51 -30.71
CA ALA A 219 11.94 -17.84 -32.12
C ALA A 219 10.64 -18.33 -32.80
N GLU A 220 10.56 -18.07 -34.10
CA GLU A 220 9.42 -18.53 -34.92
C GLU A 220 9.22 -20.03 -34.78
N GLY A 221 8.00 -20.44 -34.49
CA GLY A 221 7.69 -21.86 -34.35
C GLY A 221 8.01 -22.47 -33.00
N THR A 222 8.62 -21.69 -32.09
CA THR A 222 8.98 -22.21 -30.76
C THR A 222 7.97 -21.79 -29.70
N SER A 223 8.12 -22.33 -28.50
CA SER A 223 7.20 -22.09 -27.41
C SER A 223 8.06 -22.12 -26.12
N PRO A 224 7.78 -21.24 -25.14
CA PRO A 224 8.62 -21.26 -23.94
C PRO A 224 8.39 -22.51 -23.09
N PHE A 225 9.33 -22.83 -22.21
CA PHE A 225 9.16 -23.96 -21.32
C PHE A 225 9.76 -23.62 -19.97
N ILE A 226 8.91 -23.55 -18.95
CA ILE A 226 9.35 -23.25 -17.59
C ILE A 226 9.43 -24.46 -16.64
N LYS A 227 10.20 -24.27 -15.58
CA LYS A 227 10.24 -25.18 -14.47
C LYS A 227 10.19 -24.39 -13.18
N LEU A 228 9.27 -24.79 -12.31
CA LEU A 228 9.12 -24.18 -10.99
C LEU A 228 10.14 -24.84 -10.08
N SER A 229 10.98 -24.04 -9.44
CA SER A 229 11.99 -24.64 -8.57
C SER A 229 11.41 -24.93 -7.20
N ASP A 230 12.22 -25.60 -6.38
CA ASP A 230 11.82 -25.97 -5.02
C ASP A 230 11.62 -24.72 -4.17
N PRO A 231 10.90 -24.84 -3.04
CA PRO A 231 10.70 -23.66 -2.20
C PRO A 231 11.87 -23.26 -1.29
N GLY A 232 12.92 -24.05 -1.26
CA GLY A 232 14.04 -23.82 -0.34
C GLY A 232 13.60 -24.01 1.11
N VAL A 233 14.21 -23.27 2.04
CA VAL A 233 13.82 -23.32 3.45
C VAL A 233 12.33 -23.04 3.55
N GLY A 234 11.57 -23.98 4.11
CA GLY A 234 10.11 -23.88 4.13
C GLY A 234 9.63 -22.63 4.81
N LEU A 235 8.53 -22.07 4.30
CA LEU A 235 7.98 -20.81 4.79
C LEU A 235 7.77 -20.83 6.31
N GLY A 236 7.31 -21.94 6.83
CA GLY A 236 7.01 -22.09 8.25
C GLY A 236 8.15 -21.81 9.21
N ALA A 237 9.41 -21.94 8.73
CA ALA A 237 10.59 -21.74 9.57
C ALA A 237 11.17 -20.35 9.50
N LEU A 238 10.68 -19.53 8.58
CA LEU A 238 11.24 -18.21 8.36
C LEU A 238 10.74 -17.16 9.38
N SER A 239 11.49 -16.08 9.51
CA SER A 239 11.15 -14.98 10.42
C SER A 239 10.07 -14.09 9.82
N ARG A 240 9.45 -13.27 10.66
CA ARG A 240 8.45 -12.32 10.19
C ARG A 240 9.06 -11.36 9.19
N GLU A 241 10.25 -10.85 9.48
CA GLU A 241 10.95 -9.96 8.58
C GLU A 241 11.11 -10.56 7.18
N GLU A 242 11.49 -11.82 7.07
CA GLU A 242 11.61 -12.42 5.74
C GLU A 242 10.26 -12.78 5.10
N ARG A 243 9.22 -13.05 5.90
CA ARG A 243 7.84 -13.17 5.35
C ARG A 243 7.37 -11.83 4.74
N VAL A 244 7.62 -10.72 5.45
CA VAL A 244 7.30 -9.38 4.91
C VAL A 244 8.06 -9.07 3.62
N GLU A 245 9.32 -9.49 3.53
CA GLU A 245 10.10 -9.29 2.30
C GLU A 245 9.52 -10.04 1.10
N ARG A 246 8.71 -11.08 1.36
CA ARG A 246 8.10 -11.92 0.33
C ARG A 246 6.75 -11.35 -0.14
N ILE A 247 6.33 -10.22 0.45
CA ILE A 247 5.15 -9.50 -0.04
C ILE A 247 5.49 -8.90 -1.39
N PRO A 248 4.60 -9.04 -2.39
CA PRO A 248 3.23 -9.51 -2.43
C PRO A 248 2.98 -10.96 -2.83
N TRP A 249 4.03 -11.77 -2.94
CA TRP A 249 3.86 -13.20 -3.25
C TRP A 249 3.30 -13.96 -2.05
N LEU A 250 3.66 -13.51 -0.86
CA LEU A 250 3.18 -14.08 0.39
C LEU A 250 1.67 -13.86 0.53
N ALA A 251 0.95 -14.94 0.78
CA ALA A 251 -0.48 -14.90 1.07
C ALA A 251 -0.69 -14.14 2.39
N PRO A 252 -1.71 -13.28 2.45
CA PRO A 252 -1.84 -12.41 3.63
C PRO A 252 -2.09 -13.17 4.93
N GLU A 253 -2.73 -14.34 4.84
CA GLU A 253 -2.98 -15.17 6.02
C GLU A 253 -1.69 -15.75 6.62
N CYS A 254 -0.60 -15.70 5.87
CA CYS A 254 0.70 -16.20 6.33
C CYS A 254 1.56 -15.13 6.99
N LEU A 255 1.09 -13.89 7.04
CA LEU A 255 1.88 -12.81 7.62
C LEU A 255 2.02 -12.93 9.14
N PRO A 256 0.90 -13.19 9.86
CA PRO A 256 1.01 -13.50 11.29
C PRO A 256 1.31 -14.97 11.52
N LEU A 262 -0.41 -23.30 7.12
CA LEU A 262 0.11 -23.79 5.85
C LEU A 262 -0.91 -24.63 5.09
N SER A 263 -1.57 -23.97 4.14
CA SER A 263 -2.55 -24.61 3.27
C SER A 263 -2.13 -24.33 1.84
N THR A 264 -2.50 -25.21 0.92
CA THR A 264 -2.22 -25.01 -0.50
C THR A 264 -2.97 -23.77 -1.02
N ALA A 265 -4.00 -23.32 -0.28
CA ALA A 265 -4.64 -22.03 -0.64
C ALA A 265 -3.65 -20.88 -0.82
N MET A 266 -2.57 -20.88 -0.06
CA MET A 266 -1.58 -19.81 -0.15
C MET A 266 -0.94 -19.76 -1.54
N ASP A 267 -0.79 -20.92 -2.19
CA ASP A 267 -0.15 -20.93 -3.50
C ASP A 267 -1.04 -20.33 -4.60
N LYS A 268 -2.35 -20.25 -4.36
CA LYS A 268 -3.25 -19.52 -5.26
C LYS A 268 -2.93 -18.03 -5.28
N TRP A 269 -2.70 -17.46 -4.11
CA TRP A 269 -2.31 -16.04 -4.01
C TRP A 269 -0.93 -15.81 -4.68
N GLY A 270 0.03 -16.68 -4.38
CA GLY A 270 1.37 -16.56 -4.99
C GLY A 270 1.31 -16.66 -6.51
N PHE A 271 0.47 -17.56 -7.00
CA PHE A 271 0.21 -17.67 -8.43
C PHE A 271 -0.31 -16.36 -9.00
N GLY A 272 -1.30 -15.78 -8.34
CA GLY A 272 -1.89 -14.51 -8.78
C GLY A 272 -0.88 -13.39 -8.81
N ALA A 273 -0.05 -13.32 -7.77
CA ALA A 273 1.00 -12.31 -7.69
C ALA A 273 2.06 -12.51 -8.76
N THR A 274 2.39 -13.76 -9.05
CA THR A 274 3.35 -14.09 -10.10
C THR A 274 2.82 -13.74 -11.50
N LEU A 275 1.52 -13.93 -11.70
CA LEU A 275 0.86 -13.50 -12.93
C LEU A 275 0.96 -11.97 -13.10
N LEU A 276 0.72 -11.19 -12.04
CA LEU A 276 0.93 -9.74 -12.11
C LEU A 276 2.36 -9.40 -12.48
N GLU A 277 3.30 -10.07 -11.80
CA GLU A 277 4.72 -9.88 -12.04
C GLU A 277 5.07 -10.13 -13.51
N ILE A 278 4.51 -11.21 -14.06
CA ILE A 278 4.74 -11.56 -15.47
C ILE A 278 4.15 -10.52 -16.41
N CYS A 279 2.89 -10.15 -16.16
CA CYS A 279 2.22 -9.13 -16.97
C CYS A 279 3.02 -7.82 -16.97
N PHE A 280 3.57 -7.45 -15.84
CA PHE A 280 4.35 -6.21 -15.74
C PHE A 280 5.85 -6.43 -16.00
N ASP A 281 6.18 -7.39 -16.86
CA ASP A 281 7.54 -7.61 -17.37
C ASP A 281 8.58 -7.73 -16.26
N GLY A 282 8.23 -8.49 -15.23
CA GLY A 282 9.17 -8.83 -14.20
C GLY A 282 9.25 -7.83 -13.08
N GLU A 283 8.31 -6.89 -13.03
CA GLU A 283 8.24 -5.97 -11.90
C GLU A 283 6.98 -6.16 -11.08
N ALA A 284 7.16 -6.74 -9.90
CA ALA A 284 6.02 -7.02 -9.05
C ALA A 284 5.55 -5.75 -8.38
N PRO A 285 4.23 -5.64 -8.15
CA PRO A 285 3.75 -4.51 -7.36
C PRO A 285 4.36 -4.49 -5.96
N LEU A 286 4.51 -3.29 -5.41
CA LEU A 286 5.00 -3.06 -4.05
C LEU A 286 6.50 -3.26 -3.81
N GLN A 287 7.29 -3.47 -4.87
CA GLN A 287 8.74 -3.73 -4.68
C GLN A 287 9.65 -2.53 -4.47
N SER A 288 9.19 -1.33 -4.84
CA SER A 288 9.93 -0.12 -4.53
C SER A 288 9.58 0.40 -3.11
N ARG A 289 8.76 -0.36 -2.36
CA ARG A 289 8.29 0.07 -1.04
C ARG A 289 9.06 -0.60 0.10
N SER A 290 9.18 0.12 1.21
CA SER A 290 9.87 -0.39 2.38
C SER A 290 9.10 -1.55 2.97
N PRO A 291 9.77 -2.38 3.80
CA PRO A 291 9.07 -3.47 4.46
C PRO A 291 7.89 -3.04 5.30
N SER A 292 8.02 -1.95 6.08
CA SER A 292 6.90 -1.49 6.88
C SER A 292 5.73 -1.03 6.00
N GLU A 293 6.02 -0.50 4.82
CA GLU A 293 4.92 -0.09 3.94
C GLU A 293 4.24 -1.27 3.23
N LYS A 294 4.99 -2.35 2.95
CA LYS A 294 4.38 -3.60 2.46
C LYS A 294 3.47 -4.20 3.50
N GLU A 295 3.95 -4.24 4.73
CA GLU A 295 3.17 -4.79 5.84
C GLU A 295 1.85 -4.01 6.01
N HIS A 296 1.94 -2.69 5.90
CA HIS A 296 0.79 -1.81 6.08
C HIS A 296 -0.26 -2.05 5.00
N PHE A 297 0.19 -2.21 3.75
CA PHE A 297 -0.69 -2.55 2.64
C PHE A 297 -1.56 -3.76 2.98
N TYR A 298 -0.94 -4.84 3.48
CA TYR A 298 -1.70 -6.04 3.89
C TYR A 298 -2.63 -5.79 5.09
N GLN A 299 -2.16 -5.00 6.05
CA GLN A 299 -2.96 -4.69 7.24
C GLN A 299 -4.24 -3.94 6.88
N ARG A 300 -4.14 -3.01 5.93
CA ARG A 300 -5.33 -2.30 5.43
C ARG A 300 -6.15 -3.14 4.45
N GLN A 301 -5.59 -4.28 4.04
CA GLN A 301 -6.19 -5.14 3.02
C GLN A 301 -6.52 -4.42 1.71
N HIS A 302 -5.60 -3.59 1.24
CA HIS A 302 -5.76 -2.95 -0.05
C HIS A 302 -5.73 -4.00 -1.17
N ARG A 303 -6.43 -3.74 -2.26
CA ARG A 303 -6.40 -4.63 -3.41
C ARG A 303 -5.18 -4.36 -4.26
N LEU A 304 -4.53 -5.43 -4.72
CA LEU A 304 -3.42 -5.30 -5.66
C LEU A 304 -3.91 -4.82 -7.02
N PRO A 305 -3.02 -4.21 -7.81
CA PRO A 305 -3.37 -3.76 -9.16
C PRO A 305 -3.88 -4.88 -10.06
N GLU A 306 -4.63 -4.51 -11.08
CA GLU A 306 -5.11 -5.46 -12.07
C GLU A 306 -4.40 -5.21 -13.38
N PRO A 307 -4.20 -6.27 -14.18
CA PRO A 307 -3.74 -6.06 -15.54
C PRO A 307 -4.88 -5.48 -16.43
N SER A 308 -4.51 -4.93 -17.59
CA SER A 308 -5.48 -4.26 -18.47
C SER A 308 -6.55 -5.21 -19.00
N CYS A 309 -6.12 -6.40 -19.43
CA CYS A 309 -7.00 -7.44 -19.93
C CYS A 309 -8.03 -7.87 -18.88
N PRO A 310 -9.33 -7.63 -19.14
CA PRO A 310 -10.34 -7.91 -18.11
C PRO A 310 -10.50 -9.38 -17.71
N GLN A 311 -10.30 -10.31 -18.64
CA GLN A 311 -10.40 -11.74 -18.32
C GLN A 311 -9.24 -12.14 -17.40
N LEU A 312 -8.06 -11.60 -17.70
CA LEU A 312 -6.88 -11.89 -16.90
C LEU A 312 -7.03 -11.22 -15.54
N ALA A 313 -7.56 -9.99 -15.54
CA ALA A 313 -7.86 -9.26 -14.33
C ALA A 313 -8.87 -9.97 -13.46
N THR A 314 -9.85 -10.64 -14.08
CA THR A 314 -10.84 -11.37 -13.32
C THR A 314 -10.15 -12.51 -12.55
N LEU A 315 -9.29 -13.22 -13.25
CA LEU A 315 -8.52 -14.32 -12.64
C LEU A 315 -7.53 -13.83 -11.55
N THR A 316 -6.73 -12.82 -11.83
CA THR A 316 -5.78 -12.32 -10.81
C THR A 316 -6.51 -11.80 -9.57
N SER A 317 -7.61 -11.07 -9.76
CA SER A 317 -8.34 -10.56 -8.59
C SER A 317 -8.95 -11.71 -7.75
N GLN A 318 -9.46 -12.74 -8.43
CA GLN A 318 -9.97 -13.94 -7.74
C GLN A 318 -8.90 -14.64 -6.91
N CYS A 319 -7.72 -14.81 -7.50
CA CYS A 319 -6.57 -15.39 -6.80
C CYS A 319 -6.11 -14.51 -5.64
N LEU A 320 -6.06 -13.20 -5.90
CA LEU A 320 -5.56 -12.21 -4.93
C LEU A 320 -6.74 -11.67 -4.09
N THR A 321 -7.45 -12.61 -3.50
CA THR A 321 -8.57 -12.34 -2.63
C THR A 321 -8.12 -12.66 -1.21
N TYR A 322 -8.38 -11.76 -0.27
CA TYR A 322 -7.84 -11.91 1.07
C TYR A 322 -8.36 -13.16 1.83
N GLU A 323 -9.63 -13.50 1.65
CA GLU A 323 -10.21 -14.73 2.22
C GLU A 323 -9.76 -15.96 1.40
N PRO A 324 -8.93 -16.83 2.00
CA PRO A 324 -8.35 -17.94 1.22
C PRO A 324 -9.38 -18.89 0.61
N THR A 325 -10.49 -19.14 1.32
CA THR A 325 -11.49 -20.10 0.84
C THR A 325 -12.29 -19.60 -0.36
N GLN A 326 -12.15 -18.32 -0.69
CA GLN A 326 -12.79 -17.73 -1.85
C GLN A 326 -11.91 -17.77 -3.10
N ARG A 327 -10.67 -18.23 -2.96
CA ARG A 327 -9.77 -18.35 -4.10
C ARG A 327 -10.15 -19.59 -4.89
N PRO A 328 -10.10 -19.51 -6.24
CA PRO A 328 -10.53 -20.63 -7.07
C PRO A 328 -9.55 -21.79 -7.05
N SER A 329 -10.05 -23.00 -7.26
CA SER A 329 -9.18 -24.17 -7.40
C SER A 329 -8.29 -24.03 -8.63
N PHE A 330 -7.18 -24.74 -8.63
CA PHE A 330 -6.28 -24.75 -9.77
C PHE A 330 -6.88 -25.42 -10.99
N ARG A 331 -7.80 -26.36 -10.78
CA ARG A 331 -8.57 -26.90 -11.89
C ARG A 331 -9.34 -25.80 -12.62
N THR A 332 -9.99 -24.92 -11.87
CA THR A 332 -10.70 -23.79 -12.43
C THR A 332 -9.74 -22.74 -13.04
N ILE A 333 -8.64 -22.46 -12.36
CA ILE A 333 -7.63 -21.52 -12.87
C ILE A 333 -7.11 -22.04 -14.21
N LEU A 334 -6.78 -23.34 -14.24
CA LEU A 334 -6.23 -23.93 -15.44
C LEU A 334 -7.22 -23.88 -16.62
N ARG A 335 -8.48 -24.20 -16.37
CA ARG A 335 -9.52 -24.12 -17.40
C ARG A 335 -9.67 -22.71 -17.97
N ASP A 336 -9.65 -21.70 -17.10
CA ASP A 336 -9.81 -20.32 -17.52
C ASP A 336 -8.65 -19.86 -18.40
N LEU A 337 -7.42 -20.24 -18.01
CA LEU A 337 -6.23 -19.90 -18.80
C LEU A 337 -6.22 -20.59 -20.16
N THR A 338 -6.71 -21.82 -20.24
CA THR A 338 -6.67 -22.53 -21.51
C THR A 338 -7.54 -21.82 -22.53
N ARG A 339 -8.62 -21.19 -22.07
CA ARG A 339 -9.49 -20.41 -22.97
C ARG A 339 -8.92 -19.02 -23.32
N LEU A 340 -7.83 -18.62 -22.66
CA LEU A 340 -7.10 -17.40 -22.98
C LEU A 340 -5.87 -17.66 -23.86
N SER B 51 10.70 23.38 18.61
CA SER B 51 9.93 22.22 18.10
C SER B 51 8.51 22.17 18.70
N PHE B 52 8.34 21.47 19.83
CA PHE B 52 7.00 21.23 20.38
C PHE B 52 7.04 20.89 21.87
N HIS B 53 5.97 21.27 22.58
CA HIS B 53 5.86 20.98 24.00
C HIS B 53 5.66 19.47 24.20
N ARG B 54 6.48 18.88 25.05
CA ARG B 54 6.30 17.48 25.40
C ARG B 54 5.36 17.45 26.59
N VAL B 55 4.24 16.75 26.46
CA VAL B 55 3.33 16.64 27.60
C VAL B 55 3.60 15.28 28.24
N ASP B 56 3.64 15.27 29.57
CA ASP B 56 3.86 14.03 30.30
C ASP B 56 2.54 13.29 30.35
N GLN B 57 2.62 11.96 30.28
CA GLN B 57 1.44 11.10 30.33
C GLN B 57 0.65 11.25 31.63
N LYS B 58 1.30 11.68 32.70
CA LYS B 58 0.62 11.94 33.97
C LYS B 58 -0.37 13.11 33.86
N GLU B 59 -0.17 13.98 32.86
CA GLU B 59 -0.98 15.17 32.69
C GLU B 59 -2.25 14.97 31.85
N ILE B 60 -2.41 13.80 31.23
CA ILE B 60 -3.57 13.54 30.38
C ILE B 60 -4.43 12.38 30.88
N THR B 61 -5.74 12.54 30.76
CA THR B 61 -6.66 11.44 30.98
C THR B 61 -7.40 11.17 29.68
N GLN B 62 -7.51 9.90 29.33
CA GLN B 62 -8.11 9.48 28.10
C GLN B 62 -9.56 9.06 28.35
N LEU B 63 -10.49 9.65 27.61
CA LEU B 63 -11.92 9.33 27.75
C LEU B 63 -12.39 8.58 26.51
N SER B 64 -13.57 8.92 25.98
CA SER B 64 -14.21 8.10 24.97
C SER B 64 -13.51 8.11 23.61
N HIS B 65 -13.60 6.98 22.91
CA HIS B 65 -13.10 6.83 21.55
C HIS B 65 -14.04 7.58 20.60
N LEU B 66 -13.48 8.46 19.78
CA LEU B 66 -14.27 9.29 18.87
C LEU B 66 -14.24 8.80 17.42
N GLY B 67 -13.20 8.07 17.05
CA GLY B 67 -13.08 7.59 15.68
C GLY B 67 -11.67 7.19 15.32
N GLN B 68 -11.55 6.51 14.18
CA GLN B 68 -10.25 6.20 13.60
C GLN B 68 -9.90 7.27 12.58
N GLY B 69 -8.64 7.69 12.58
CA GLY B 69 -8.15 8.61 11.58
C GLY B 69 -7.07 7.93 10.75
N THR B 70 -6.26 8.75 10.10
CA THR B 70 -5.18 8.27 9.28
C THR B 70 -4.02 7.82 10.18
N ARG B 71 -3.94 6.51 10.37
CA ARG B 71 -2.95 5.86 11.20
C ARG B 71 -3.11 6.21 12.66
N THR B 72 -4.33 6.51 13.08
CA THR B 72 -4.59 6.98 14.42
C THR B 72 -5.90 6.44 14.97
N ASN B 73 -6.03 6.54 16.29
CA ASN B 73 -7.30 6.51 16.97
C ASN B 73 -7.41 7.78 17.80
N VAL B 74 -8.57 8.39 17.77
CA VAL B 74 -8.77 9.71 18.36
C VAL B 74 -9.71 9.53 19.53
N TYR B 75 -9.31 10.06 20.68
CA TYR B 75 -10.10 9.99 21.91
C TYR B 75 -10.36 11.38 22.48
N GLU B 76 -11.49 11.56 23.14
CA GLU B 76 -11.68 12.75 23.95
C GLU B 76 -10.80 12.58 25.18
N GLY B 77 -10.32 13.70 25.71
CA GLY B 77 -9.48 13.68 26.88
C GLY B 77 -9.52 14.97 27.68
N ARG B 78 -8.70 15.00 28.73
CA ARG B 78 -8.47 16.16 29.56
C ARG B 78 -6.96 16.38 29.68
N LEU B 79 -6.56 17.64 29.79
CA LEU B 79 -5.14 18.00 29.97
C LEU B 79 -5.03 18.92 31.18
N ARG B 80 -4.40 18.45 32.24
CA ARG B 80 -4.22 19.27 33.46
C ARG B 80 -3.09 20.24 33.25
N GLU B 107 -8.01 22.14 34.10
CA GLU B 107 -8.17 21.14 33.06
C GLU B 107 -8.68 21.73 31.75
N LEU B 108 -8.03 21.37 30.66
CA LEU B 108 -8.50 21.72 29.34
C LEU B 108 -9.15 20.50 28.67
N ARG B 109 -10.14 20.78 27.85
CA ARG B 109 -10.81 19.74 27.09
C ARG B 109 -10.03 19.57 25.81
N VAL B 110 -9.57 18.34 25.57
CA VAL B 110 -8.69 18.07 24.43
C VAL B 110 -9.13 16.85 23.65
N VAL B 111 -8.56 16.67 22.46
CA VAL B 111 -8.57 15.36 21.82
C VAL B 111 -7.15 14.79 21.89
N LEU B 112 -7.09 13.47 22.00
CA LEU B 112 -5.85 12.74 21.96
C LEU B 112 -5.81 11.94 20.66
N LYS B 113 -4.82 12.25 19.82
CA LYS B 113 -4.64 11.55 18.56
C LYS B 113 -3.50 10.55 18.72
N VAL B 114 -3.87 9.30 18.91
CA VAL B 114 -2.93 8.25 19.26
C VAL B 114 -2.47 7.58 17.98
N LEU B 115 -1.22 7.82 17.62
CA LEU B 115 -0.65 7.21 16.43
C LEU B 115 -0.51 5.70 16.58
N ASP B 116 -0.97 4.94 15.60
CA ASP B 116 -0.72 3.48 15.55
C ASP B 116 0.78 3.20 15.64
N PRO B 117 1.18 2.03 16.20
CA PRO B 117 2.61 1.68 16.19
C PRO B 117 3.11 1.73 14.76
N SER B 118 4.18 2.47 14.50
CA SER B 118 4.55 2.82 13.13
C SER B 118 6.04 2.90 12.99
N HIS B 119 6.48 2.79 11.74
CA HIS B 119 7.86 3.03 11.37
C HIS B 119 8.27 4.47 11.66
N HIS B 120 9.54 4.64 11.96
CA HIS B 120 10.14 5.95 12.28
C HIS B 120 9.69 7.07 11.34
N ASP B 121 9.66 6.80 10.03
CA ASP B 121 9.27 7.80 9.01
C ASP B 121 7.87 8.39 9.25
N ILE B 122 6.95 7.56 9.72
CA ILE B 122 5.58 7.99 9.99
C ILE B 122 5.55 8.80 11.30
N ALA B 123 6.21 8.32 12.34
CA ALA B 123 6.24 9.05 13.61
C ALA B 123 6.89 10.41 13.41
N LEU B 124 7.93 10.44 12.58
CA LEU B 124 8.61 11.69 12.30
C LEU B 124 7.68 12.69 11.62
N ALA B 125 6.88 12.24 10.67
CA ALA B 125 5.97 13.16 9.96
C ALA B 125 4.88 13.68 10.92
N PHE B 126 4.51 12.85 11.87
CA PHE B 126 3.54 13.18 12.92
C PHE B 126 4.10 14.29 13.80
N TYR B 127 5.31 14.06 14.31
CA TYR B 127 6.04 15.07 15.06
C TYR B 127 6.26 16.37 14.29
N GLU B 128 6.54 16.29 13.00
CA GLU B 128 6.69 17.47 12.16
C GLU B 128 5.42 18.33 12.15
N THR B 129 4.27 17.67 12.05
CA THR B 129 3.00 18.40 12.09
C THR B 129 2.81 19.09 13.44
N ALA B 130 3.07 18.36 14.52
CA ALA B 130 2.87 18.94 15.84
C ALA B 130 3.76 20.15 16.04
N SER B 131 5.01 20.02 15.60
CA SER B 131 5.99 21.11 15.70
C SER B 131 5.59 22.32 14.89
N LEU B 132 5.20 22.10 13.64
N LEU B 132 5.20 22.09 13.64
CA LEU B 132 4.73 23.17 12.77
CA LEU B 132 4.69 23.14 12.75
C LEU B 132 3.48 23.88 13.31
C LEU B 132 3.48 23.88 13.32
N MET B 133 2.50 23.12 13.79
CA MET B 133 1.27 23.72 14.30
CA MET B 133 1.26 23.65 14.36
C MET B 133 1.46 24.40 15.66
N SER B 134 2.50 24.02 16.40
CA SER B 134 2.79 24.63 17.69
C SER B 134 3.30 26.06 17.54
N GLN B 135 3.85 26.36 16.36
CA GLN B 135 4.45 27.66 16.08
C GLN B 135 3.59 28.64 15.28
N VAL B 136 2.37 28.24 14.90
CA VAL B 136 1.44 29.15 14.23
C VAL B 136 0.25 29.48 15.13
N SER B 137 -0.34 30.65 14.91
CA SER B 137 -1.56 31.09 15.60
C SER B 137 -2.54 31.72 14.63
N HIS B 138 -3.83 31.42 14.82
CA HIS B 138 -4.87 32.05 14.06
C HIS B 138 -6.19 31.76 14.73
N THR B 139 -7.12 32.71 14.65
CA THR B 139 -8.41 32.54 15.28
C THR B 139 -9.19 31.32 14.73
N HIS B 140 -8.93 30.95 13.48
CA HIS B 140 -9.55 29.78 12.85
C HIS B 140 -8.63 28.57 12.65
N LEU B 141 -7.56 28.50 13.45
CA LEU B 141 -6.74 27.29 13.56
C LEU B 141 -6.87 26.69 14.96
N ALA B 142 -7.24 25.41 15.05
CA ALA B 142 -7.33 24.71 16.33
C ALA B 142 -5.96 24.59 16.97
N PHE B 143 -5.84 24.79 18.29
CA PHE B 143 -4.53 24.75 18.96
C PHE B 143 -4.00 23.32 19.01
N VAL B 144 -2.69 23.18 18.89
CA VAL B 144 -2.01 21.95 19.22
C VAL B 144 -1.22 22.21 20.50
N HIS B 145 -1.47 21.38 21.52
CA HIS B 145 -0.85 21.54 22.83
C HIS B 145 0.53 20.89 22.91
N GLY B 146 0.75 19.82 22.16
CA GLY B 146 2.02 19.15 22.17
C GLY B 146 1.88 17.68 21.88
N VAL B 147 2.94 16.93 22.14
CA VAL B 147 2.96 15.49 21.92
C VAL B 147 3.29 14.79 23.22
N CYS B 148 2.61 13.68 23.48
CA CYS B 148 2.86 12.86 24.65
C CYS B 148 3.35 11.51 24.18
N VAL B 149 4.40 11.02 24.80
CA VAL B 149 4.84 9.64 24.59
C VAL B 149 4.31 8.81 25.76
N ARG B 150 3.53 7.79 25.44
CA ARG B 150 2.93 6.93 26.45
C ARG B 150 3.24 5.50 26.09
N GLY B 151 4.34 4.98 26.63
CA GLY B 151 4.86 3.68 26.22
C GLY B 151 5.36 3.80 24.80
N PRO B 152 4.90 2.91 23.90
CA PRO B 152 5.22 3.05 22.47
C PRO B 152 4.32 4.03 21.72
N GLU B 153 3.32 4.60 22.40
CA GLU B 153 2.30 5.43 21.75
C GLU B 153 2.68 6.90 21.72
N ASN B 154 2.74 7.44 20.51
CA ASN B 154 2.89 8.88 20.31
C ASN B 154 1.51 9.49 20.21
N ILE B 155 1.25 10.50 21.04
CA ILE B 155 -0.07 11.09 21.13
C ILE B 155 0.01 12.60 20.87
N MET B 156 -0.64 13.08 19.82
CA MET B 156 -0.81 14.52 19.64
C MET B 156 -2.01 14.99 20.46
N VAL B 157 -1.79 16.06 21.22
CA VAL B 157 -2.81 16.63 22.08
C VAL B 157 -3.27 17.95 21.48
N THR B 158 -4.55 18.02 21.12
CA THR B 158 -5.07 19.19 20.43
C THR B 158 -6.35 19.68 21.08
N GLU B 159 -6.72 20.91 20.73
CA GLU B 159 -7.94 21.52 21.22
C GLU B 159 -9.18 20.69 20.83
N TYR B 160 -10.07 20.43 21.80
CA TYR B 160 -11.40 19.87 21.51
C TYR B 160 -12.29 20.97 20.98
N VAL B 161 -12.83 20.81 19.78
CA VAL B 161 -13.72 21.80 19.22
C VAL B 161 -15.17 21.32 19.33
N GLU B 162 -15.97 22.08 20.07
CA GLU B 162 -17.24 21.61 20.66
C GLU B 162 -18.14 20.78 19.77
N HIS B 163 -18.49 21.30 18.60
CA HIS B 163 -19.53 20.68 17.78
C HIS B 163 -19.05 19.72 16.72
N GLY B 164 -17.75 19.44 16.69
CA GLY B 164 -17.18 18.41 15.83
C GLY B 164 -17.07 18.78 14.36
N PRO B 165 -16.81 17.77 13.50
CA PRO B 165 -16.55 17.98 12.08
C PRO B 165 -17.73 18.55 11.33
N LEU B 166 -17.42 19.50 10.45
CA LEU B 166 -18.39 20.18 9.62
C LEU B 166 -19.15 19.26 8.67
N ASP B 167 -18.46 18.29 8.08
CA ASP B 167 -19.10 17.45 7.09
C ASP B 167 -20.17 16.56 7.73
N VAL B 168 -19.86 16.01 8.91
CA VAL B 168 -20.81 15.21 9.68
C VAL B 168 -22.01 16.05 10.04
N TRP B 169 -21.74 17.26 10.53
CA TRP B 169 -22.80 18.19 10.91
C TRP B 169 -23.68 18.59 9.73
N LEU B 170 -23.07 18.89 8.59
CA LEU B 170 -23.84 19.28 7.39
C LEU B 170 -24.75 18.17 6.90
N ARG B 171 -24.25 16.93 6.94
CA ARG B 171 -25.04 15.80 6.46
C ARG B 171 -26.27 15.61 7.36
N ARG B 172 -26.11 15.81 8.67
CA ARG B 172 -27.23 15.70 9.61
C ARG B 172 -28.23 16.84 9.48
N GLU B 173 -27.73 18.04 9.20
CA GLU B 173 -28.57 19.24 9.03
C GLU B 173 -28.90 19.55 7.56
N ARG B 174 -28.63 18.62 6.65
CA ARG B 174 -28.81 18.84 5.21
C ARG B 174 -30.20 19.39 4.86
N GLY B 175 -30.24 20.26 3.84
CA GLY B 175 -31.49 20.80 3.33
C GLY B 175 -31.87 22.16 3.87
N HIS B 176 -31.43 22.47 5.09
CA HIS B 176 -31.79 23.73 5.74
C HIS B 176 -30.57 24.44 6.35
N VAL B 177 -29.47 24.45 5.60
CA VAL B 177 -28.33 25.32 5.91
C VAL B 177 -28.23 26.35 4.79
N PRO B 178 -28.46 27.63 5.11
CA PRO B 178 -28.50 28.63 4.04
C PRO B 178 -27.14 28.95 3.45
N MET B 179 -27.15 29.56 2.27
CA MET B 179 -25.93 29.89 1.55
C MET B 179 -25.06 30.91 2.30
N ALA B 180 -25.71 31.88 2.93
CA ALA B 180 -25.03 32.89 3.71
C ALA B 180 -24.20 32.29 4.86
N TRP B 181 -24.74 31.22 5.47
CA TRP B 181 -24.02 30.49 6.50
C TRP B 181 -22.76 29.87 5.88
N LYS B 182 -22.95 29.24 4.72
CA LYS B 182 -21.84 28.58 4.02
C LYS B 182 -20.78 29.58 3.61
N MET B 183 -21.21 30.78 3.23
CA MET B 183 -20.27 31.83 2.82
C MET B 183 -19.45 32.36 3.99
N VAL B 184 -20.04 32.42 5.19
CA VAL B 184 -19.26 32.80 6.38
C VAL B 184 -18.19 31.76 6.65
N VAL B 185 -18.57 30.48 6.63
CA VAL B 185 -17.59 29.42 6.82
C VAL B 185 -16.49 29.47 5.76
N ALA B 186 -16.86 29.69 4.50
CA ALA B 186 -15.87 29.78 3.41
C ALA B 186 -14.85 30.88 3.66
N GLN B 187 -15.34 32.04 4.06
CA GLN B 187 -14.48 33.17 4.38
C GLN B 187 -13.52 32.86 5.53
N GLN B 188 -14.04 32.27 6.60
CA GLN B 188 -13.19 31.94 7.75
C GLN B 188 -12.08 31.01 7.36
N LEU B 189 -12.41 29.98 6.59
CA LEU B 189 -11.44 29.05 6.07
C LEU B 189 -10.40 29.71 5.19
N ALA B 190 -10.85 30.58 4.27
CA ALA B 190 -9.91 31.26 3.37
C ALA B 190 -8.97 32.18 4.14
N SER B 191 -9.48 32.74 5.23
CA SER B 191 -8.69 33.60 6.11
C SER B 191 -7.55 32.82 6.78
N ALA B 192 -7.87 31.67 7.35
CA ALA B 192 -6.83 30.80 7.93
C ALA B 192 -5.79 30.37 6.89
N LEU B 193 -6.24 30.00 5.70
CA LEU B 193 -5.31 29.56 4.66
C LEU B 193 -4.50 30.72 4.06
N SER B 194 -5.05 31.94 4.06
CA SER B 194 -4.31 33.11 3.63
C SER B 194 -3.14 33.36 4.57
N TYR B 195 -3.38 33.15 5.86
CA TYR B 195 -2.33 33.22 6.88
C TYR B 195 -1.24 32.15 6.66
N LEU B 196 -1.65 30.90 6.45
CA LEU B 196 -0.69 29.82 6.19
C LEU B 196 0.12 30.06 4.90
N GLU B 197 -0.53 30.58 3.88
CA GLU B 197 0.10 30.97 2.61
C GLU B 197 1.21 31.99 2.87
N ASN B 198 0.90 33.03 3.64
CA ASN B 198 1.87 34.08 3.98
C ASN B 198 3.06 33.54 4.75
N LYS B 199 2.85 32.50 5.56
CA LYS B 199 3.92 31.85 6.31
C LYS B 199 4.68 30.82 5.46
N ASN B 200 4.23 30.61 4.23
CA ASN B 200 4.74 29.55 3.35
C ASN B 200 4.66 28.15 3.99
N LEU B 201 3.52 27.84 4.60
CA LEU B 201 3.36 26.58 5.30
C LEU B 201 2.26 25.77 4.65
N VAL B 202 2.61 24.54 4.26
CA VAL B 202 1.66 23.62 3.64
C VAL B 202 0.85 22.90 4.72
N HIS B 203 -0.46 22.83 4.53
CA HIS B 203 -1.34 22.05 5.41
C HIS B 203 -1.46 20.61 4.88
N GLY B 204 -2.03 20.46 3.68
CA GLY B 204 -2.05 19.20 2.97
C GLY B 204 -3.23 18.28 3.27
N ASN B 205 -4.16 18.73 4.10
CA ASN B 205 -5.30 17.90 4.51
C ASN B 205 -6.52 18.77 4.79
N VAL B 206 -6.76 19.73 3.90
CA VAL B 206 -7.94 20.58 3.97
C VAL B 206 -9.16 19.81 3.40
N CYS B 207 -10.11 19.53 4.27
CA CYS B 207 -11.36 18.85 3.95
C CYS B 207 -12.38 19.15 5.01
N GLY B 208 -13.64 18.85 4.72
CA GLY B 208 -14.73 19.13 5.63
C GLY B 208 -14.62 18.44 6.97
N ARG B 209 -14.07 17.24 6.99
CA ARG B 209 -13.77 16.52 8.24
C ARG B 209 -12.83 17.30 9.17
N ASN B 210 -11.88 18.04 8.60
CA ASN B 210 -10.89 18.78 9.39
C ASN B 210 -11.26 20.21 9.66
N ILE B 211 -12.51 20.55 9.34
CA ILE B 211 -13.08 21.84 9.70
C ILE B 211 -14.05 21.57 10.83
N LEU B 212 -13.74 22.14 11.98
CA LEU B 212 -14.46 21.85 13.20
C LEU B 212 -15.31 23.06 13.57
N LEU B 213 -16.52 22.78 14.09
CA LEU B 213 -17.46 23.84 14.45
C LEU B 213 -17.39 24.18 15.93
N ALA B 214 -16.87 25.36 16.24
CA ALA B 214 -16.84 25.86 17.62
C ALA B 214 -18.15 26.55 17.98
N ARG B 215 -18.80 27.17 17.00
CA ARG B 215 -20.10 27.79 17.20
C ARG B 215 -20.98 27.52 15.99
N LEU B 216 -22.24 27.16 16.24
CA LEU B 216 -23.13 26.71 15.18
C LEU B 216 -23.73 27.83 14.34
N GLY B 217 -24.01 28.98 14.94
CA GLY B 217 -24.50 30.13 14.20
C GLY B 217 -25.83 29.93 13.47
N LEU B 218 -26.76 29.22 14.09
CA LEU B 218 -28.09 29.04 13.52
C LEU B 218 -29.10 30.02 14.12
N ALA B 219 -28.91 30.39 15.38
CA ALA B 219 -29.71 31.45 16.03
C ALA B 219 -29.65 32.77 15.25
N GLU B 220 -30.65 33.62 15.43
CA GLU B 220 -30.84 34.79 14.55
C GLU B 220 -29.81 35.92 14.75
N GLY B 221 -29.32 36.10 15.97
CA GLY B 221 -28.25 37.08 16.21
C GLY B 221 -26.85 36.57 15.88
N THR B 222 -26.73 35.31 15.47
CA THR B 222 -25.46 34.59 15.52
C THR B 222 -24.83 34.29 14.15
N SER B 223 -23.57 33.85 14.19
CA SER B 223 -22.88 33.35 13.01
C SER B 223 -21.95 32.21 13.40
N PRO B 224 -21.70 31.30 12.45
CA PRO B 224 -20.86 30.13 12.73
C PRO B 224 -19.42 30.53 12.99
N PHE B 225 -18.66 29.63 13.60
CA PHE B 225 -17.25 29.86 13.82
C PHE B 225 -16.51 28.54 13.71
N ILE B 226 -15.62 28.45 12.73
CA ILE B 226 -14.89 27.21 12.50
C ILE B 226 -13.43 27.29 12.94
N LYS B 227 -12.84 26.13 13.16
CA LYS B 227 -11.40 25.99 13.39
C LYS B 227 -10.92 24.88 12.46
N LEU B 228 -9.89 25.18 11.69
CA LEU B 228 -9.21 24.18 10.88
C LEU B 228 -8.26 23.37 11.75
N SER B 229 -8.46 22.05 11.69
CA SER B 229 -7.66 21.09 12.40
C SER B 229 -6.24 20.95 11.80
N ASP B 230 -5.32 20.34 12.55
CA ASP B 230 -3.98 20.02 12.05
C ASP B 230 -4.07 18.96 10.94
N PRO B 231 -3.03 18.82 10.12
CA PRO B 231 -3.09 17.84 9.03
C PRO B 231 -2.77 16.36 9.38
N GLY B 232 -2.46 16.08 10.64
CA GLY B 232 -2.11 14.71 11.06
C GLY B 232 -0.79 14.31 10.44
N VAL B 233 -0.62 13.03 10.15
CA VAL B 233 0.60 12.56 9.50
C VAL B 233 0.75 13.29 8.19
N GLY B 234 1.89 13.95 8.01
CA GLY B 234 2.16 14.71 6.80
C GLY B 234 1.90 13.92 5.53
N LEU B 235 1.28 14.59 4.57
CA LEU B 235 1.00 14.01 3.27
C LEU B 235 2.24 13.33 2.67
N GLY B 236 3.41 13.92 2.89
CA GLY B 236 4.65 13.39 2.34
C GLY B 236 5.00 11.96 2.72
N ALA B 237 4.52 11.51 3.88
CA ALA B 237 4.82 10.15 4.34
C ALA B 237 3.72 9.12 4.05
N LEU B 238 2.60 9.54 3.48
CA LEU B 238 1.50 8.61 3.25
C LEU B 238 1.71 7.74 2.00
N SER B 239 0.97 6.65 1.94
CA SER B 239 1.04 5.71 0.83
C SER B 239 0.23 6.22 -0.36
N ARG B 240 0.51 5.67 -1.53
CA ARG B 240 -0.30 5.94 -2.70
C ARG B 240 -1.78 5.66 -2.45
N GLU B 241 -2.08 4.58 -1.72
CA GLU B 241 -3.46 4.21 -1.47
C GLU B 241 -4.17 5.25 -0.59
N GLU B 242 -3.46 5.76 0.41
CA GLU B 242 -3.98 6.84 1.28
C GLU B 242 -4.19 8.14 0.50
N ARG B 243 -3.32 8.42 -0.48
CA ARG B 243 -3.51 9.59 -1.35
C ARG B 243 -4.74 9.44 -2.25
N VAL B 244 -4.94 8.26 -2.82
CA VAL B 244 -6.15 8.01 -3.62
C VAL B 244 -7.40 8.14 -2.77
N GLU B 245 -7.38 7.61 -1.54
CA GLU B 245 -8.50 7.82 -0.61
C GLU B 245 -8.79 9.31 -0.35
N ARG B 246 -7.78 10.17 -0.47
CA ARG B 246 -7.95 11.61 -0.22
C ARG B 246 -8.47 12.41 -1.46
N ILE B 247 -8.62 11.74 -2.60
CA ILE B 247 -9.32 12.33 -3.76
C ILE B 247 -10.79 12.53 -3.40
N PRO B 248 -11.38 13.71 -3.73
CA PRO B 248 -10.87 14.80 -4.54
C PRO B 248 -10.25 15.97 -3.79
N TRP B 249 -10.00 15.84 -2.48
CA TRP B 249 -9.36 16.91 -1.73
C TRP B 249 -7.87 16.99 -2.05
N LEU B 250 -7.29 15.84 -2.38
CA LEU B 250 -5.91 15.74 -2.82
C LEU B 250 -5.69 16.46 -4.13
N ALA B 251 -4.69 17.34 -4.17
CA ALA B 251 -4.34 18.07 -5.39
C ALA B 251 -3.71 17.07 -6.35
N PRO B 252 -4.04 17.19 -7.64
CA PRO B 252 -3.64 16.16 -8.60
C PRO B 252 -2.12 15.98 -8.75
N GLU B 253 -1.38 17.06 -8.55
CA GLU B 253 0.08 17.00 -8.62
C GLU B 253 0.67 16.18 -7.48
N CYS B 254 -0.12 15.94 -6.43
CA CYS B 254 0.36 15.13 -5.31
C CYS B 254 0.17 13.63 -5.47
N LEU B 255 -0.62 13.20 -6.45
CA LEU B 255 -0.91 11.77 -6.59
C LEU B 255 0.34 10.89 -6.87
N PRO B 256 1.20 11.28 -7.83
CA PRO B 256 2.40 10.48 -8.12
C PRO B 256 3.35 10.36 -6.93
N LEU B 262 6.74 19.63 -1.27
CA LEU B 262 5.32 19.91 -1.33
C LEU B 262 5.08 21.42 -1.35
N SER B 263 4.06 21.88 -2.07
CA SER B 263 3.83 23.32 -2.26
C SER B 263 2.49 23.81 -1.70
N THR B 264 2.43 25.11 -1.40
CA THR B 264 1.25 25.75 -0.83
C THR B 264 0.10 25.77 -1.84
N ALA B 265 0.44 25.70 -3.12
CA ALA B 265 -0.56 25.57 -4.18
C ALA B 265 -1.58 24.42 -3.97
N MET B 266 -1.15 23.33 -3.33
CA MET B 266 -2.04 22.19 -3.12
C MET B 266 -3.25 22.53 -2.25
N ASP B 267 -3.08 23.48 -1.33
CA ASP B 267 -4.15 23.87 -0.43
C ASP B 267 -5.21 24.72 -1.13
N LYS B 268 -4.88 25.30 -2.27
CA LYS B 268 -5.90 25.98 -3.07
C LYS B 268 -6.87 24.96 -3.66
N TRP B 269 -6.35 23.84 -4.16
CA TRP B 269 -7.20 22.73 -4.61
C TRP B 269 -8.02 22.17 -3.45
N GLY B 270 -7.36 21.84 -2.35
CA GLY B 270 -8.08 21.34 -1.16
C GLY B 270 -9.21 22.25 -0.74
N PHE B 271 -8.97 23.56 -0.79
CA PHE B 271 -9.97 24.54 -0.44
C PHE B 271 -11.17 24.49 -1.40
N GLY B 272 -10.88 24.39 -2.70
CA GLY B 272 -11.90 24.30 -3.71
C GLY B 272 -12.80 23.09 -3.52
N ALA B 273 -12.16 21.95 -3.28
CA ALA B 273 -12.87 20.69 -3.04
C ALA B 273 -13.73 20.77 -1.80
N THR B 274 -13.20 21.41 -0.75
CA THR B 274 -13.95 21.61 0.47
C THR B 274 -15.16 22.53 0.28
N LEU B 275 -14.99 23.57 -0.55
CA LEU B 275 -16.11 24.46 -0.91
C LEU B 275 -17.23 23.67 -1.64
N LEU B 276 -16.87 22.83 -2.60
CA LEU B 276 -17.85 21.92 -3.21
C LEU B 276 -18.56 21.04 -2.17
N GLU B 277 -17.75 20.44 -1.29
CA GLU B 277 -18.27 19.60 -0.21
C GLU B 277 -19.29 20.34 0.65
N ILE B 278 -18.96 21.59 1.00
CA ILE B 278 -19.86 22.45 1.76
C ILE B 278 -21.14 22.79 0.97
N CYS B 279 -20.99 23.23 -0.28
CA CYS B 279 -22.14 23.47 -1.15
C CYS B 279 -23.06 22.24 -1.27
N PHE B 280 -22.49 21.05 -1.33
CA PHE B 280 -23.28 19.81 -1.43
C PHE B 280 -23.64 19.19 -0.08
N ASP B 281 -23.73 20.02 0.96
CA ASP B 281 -24.16 19.61 2.30
C ASP B 281 -23.40 18.39 2.84
N GLY B 282 -22.08 18.40 2.70
CA GLY B 282 -21.24 17.36 3.30
C GLY B 282 -21.01 16.11 2.46
N GLU B 283 -21.49 16.11 1.22
CA GLU B 283 -21.23 15.04 0.27
C GLU B 283 -20.18 15.54 -0.71
N ALA B 284 -18.98 15.01 -0.67
CA ALA B 284 -17.95 15.43 -1.61
C ALA B 284 -18.11 14.67 -2.92
N PRO B 285 -17.70 15.27 -4.05
CA PRO B 285 -17.80 14.50 -5.29
C PRO B 285 -16.85 13.30 -5.26
N LEU B 286 -17.19 12.25 -6.01
CA LEU B 286 -16.35 11.06 -6.20
C LEU B 286 -16.26 10.13 -4.99
N GLN B 287 -17.02 10.40 -3.93
CA GLN B 287 -16.84 9.67 -2.67
C GLN B 287 -17.31 8.23 -2.76
N SER B 288 -18.32 7.96 -3.58
CA SER B 288 -18.82 6.59 -3.73
C SER B 288 -18.07 5.79 -4.80
N ARG B 289 -17.03 6.36 -5.40
CA ARG B 289 -16.30 5.66 -6.47
C ARG B 289 -15.16 4.80 -5.93
N SER B 290 -14.75 3.81 -6.70
CA SER B 290 -13.64 2.94 -6.30
C SER B 290 -12.32 3.68 -6.40
N PRO B 291 -11.27 3.15 -5.77
CA PRO B 291 -9.94 3.74 -5.94
C PRO B 291 -9.51 3.87 -7.40
N SER B 292 -9.72 2.82 -8.19
CA SER B 292 -9.34 2.89 -9.60
C SER B 292 -10.15 3.94 -10.35
N GLU B 293 -11.44 4.08 -10.02
CA GLU B 293 -12.27 5.12 -10.65
C GLU B 293 -11.78 6.53 -10.28
N LYS B 294 -11.40 6.73 -9.02
CA LYS B 294 -10.86 8.03 -8.58
C LYS B 294 -9.55 8.37 -9.27
N GLU B 295 -8.64 7.39 -9.35
CA GLU B 295 -7.40 7.55 -10.11
C GLU B 295 -7.65 7.87 -11.58
N HIS B 296 -8.62 7.15 -12.16
CA HIS B 296 -8.96 7.32 -13.57
C HIS B 296 -9.44 8.76 -13.83
N PHE B 297 -10.25 9.27 -12.92
CA PHE B 297 -10.73 10.65 -12.98
C PHE B 297 -9.57 11.64 -13.10
N TYR B 298 -8.59 11.51 -12.20
CA TYR B 298 -7.43 12.42 -12.21
C TYR B 298 -6.50 12.16 -13.40
N GLN B 299 -6.29 10.89 -13.76
CA GLN B 299 -5.45 10.56 -14.92
C GLN B 299 -5.99 11.19 -16.21
N ARG B 300 -7.31 11.27 -16.37
CA ARG B 300 -7.90 11.93 -17.55
C ARG B 300 -8.05 13.45 -17.37
N GLN B 301 -7.64 13.97 -16.21
CA GLN B 301 -7.84 15.38 -15.84
C GLN B 301 -9.26 15.89 -16.07
N HIS B 302 -10.22 15.09 -15.66
CA HIS B 302 -11.63 15.42 -15.80
C HIS B 302 -11.97 16.55 -14.80
N ARG B 303 -12.85 17.46 -15.20
CA ARG B 303 -13.17 18.61 -14.34
C ARG B 303 -14.19 18.24 -13.29
N LEU B 304 -14.00 18.79 -12.09
CA LEU B 304 -14.92 18.53 -11.00
C LEU B 304 -16.20 19.31 -11.23
N PRO B 305 -17.31 18.83 -10.65
CA PRO B 305 -18.59 19.51 -10.82
C PRO B 305 -18.57 20.91 -10.24
N GLU B 306 -19.50 21.74 -10.69
CA GLU B 306 -19.62 23.10 -10.17
C GLU B 306 -20.85 23.21 -9.28
N PRO B 307 -20.81 24.10 -8.28
CA PRO B 307 -22.02 24.41 -7.53
C PRO B 307 -23.02 25.24 -8.36
N SER B 308 -24.22 25.46 -7.82
CA SER B 308 -25.28 26.18 -8.55
C SER B 308 -24.93 27.64 -8.86
N CYS B 309 -24.73 28.44 -7.82
CA CYS B 309 -24.48 29.87 -7.99
C CYS B 309 -23.24 30.10 -8.84
N PRO B 310 -23.37 30.94 -9.89
CA PRO B 310 -22.34 31.08 -10.92
C PRO B 310 -21.03 31.74 -10.45
N GLN B 311 -21.11 32.67 -9.51
CA GLN B 311 -19.90 33.35 -9.02
C GLN B 311 -19.11 32.46 -8.06
N LEU B 312 -19.81 31.64 -7.29
CA LEU B 312 -19.12 30.61 -6.50
C LEU B 312 -18.55 29.53 -7.42
N ALA B 313 -19.25 29.25 -8.52
CA ALA B 313 -18.74 28.33 -9.54
C ALA B 313 -17.42 28.82 -10.13
N THR B 314 -17.29 30.12 -10.36
CA THR B 314 -16.05 30.67 -10.93
C THR B 314 -14.86 30.43 -10.00
N LEU B 315 -15.02 30.80 -8.74
CA LEU B 315 -13.97 30.58 -7.73
C LEU B 315 -13.58 29.10 -7.63
N THR B 316 -14.58 28.27 -7.46
CA THR B 316 -14.41 26.82 -7.38
C THR B 316 -13.64 26.26 -8.60
N SER B 317 -14.01 26.68 -9.82
CA SER B 317 -13.31 26.21 -11.01
C SER B 317 -11.87 26.71 -11.07
N GLN B 318 -11.64 27.94 -10.62
CA GLN B 318 -10.29 28.49 -10.57
C GLN B 318 -9.39 27.74 -9.59
N CYS B 319 -9.95 27.40 -8.42
CA CYS B 319 -9.19 26.62 -7.42
C CYS B 319 -8.90 25.20 -7.90
N LEU B 320 -9.90 24.60 -8.54
CA LEU B 320 -9.81 23.22 -9.04
C LEU B 320 -9.30 23.16 -10.49
N THR B 321 -8.18 23.82 -10.73
N THR B 321 -8.14 23.76 -10.68
CA THR B 321 -7.52 23.76 -12.03
CA THR B 321 -7.45 23.78 -11.95
C THR B 321 -6.32 22.84 -11.85
C THR B 321 -6.28 22.83 -11.83
N TYR B 322 -6.13 21.95 -12.82
CA TYR B 322 -5.07 20.94 -12.73
C TYR B 322 -3.66 21.55 -12.70
N GLU B 323 -3.45 22.63 -13.46
CA GLU B 323 -2.18 23.36 -13.41
C GLU B 323 -2.05 24.18 -12.12
N PRO B 324 -1.17 23.76 -11.19
CA PRO B 324 -1.09 24.43 -9.87
C PRO B 324 -0.81 25.94 -9.96
N THR B 325 0.01 26.33 -10.93
CA THR B 325 0.35 27.73 -11.28
C THR B 325 -0.84 28.64 -11.53
N GLN B 326 -1.94 28.07 -12.01
CA GLN B 326 -3.09 28.86 -12.42
C GLN B 326 -4.10 29.11 -11.30
N ARG B 327 -3.89 28.53 -10.11
CA ARG B 327 -4.85 28.69 -9.03
C ARG B 327 -4.62 30.06 -8.38
N PRO B 328 -5.70 30.75 -8.00
CA PRO B 328 -5.54 32.10 -7.43
C PRO B 328 -4.94 32.10 -6.03
N SER B 329 -4.24 33.17 -5.68
CA SER B 329 -3.76 33.38 -4.33
C SER B 329 -4.93 33.40 -3.36
N PHE B 330 -4.65 33.10 -2.10
CA PHE B 330 -5.65 33.21 -1.07
C PHE B 330 -6.06 34.65 -0.77
N ARG B 331 -5.13 35.59 -0.97
CA ARG B 331 -5.48 37.02 -0.94
C ARG B 331 -6.64 37.30 -1.88
N THR B 332 -6.58 36.74 -3.09
CA THR B 332 -7.61 36.95 -4.10
C THR B 332 -8.88 36.16 -3.80
N ILE B 333 -8.70 34.91 -3.37
CA ILE B 333 -9.82 34.08 -2.95
C ILE B 333 -10.61 34.80 -1.85
N LEU B 334 -9.90 35.24 -0.82
CA LEU B 334 -10.54 35.91 0.32
C LEU B 334 -11.25 37.19 -0.11
N ARG B 335 -10.59 37.97 -0.97
CA ARG B 335 -11.18 39.19 -1.54
C ARG B 335 -12.48 38.89 -2.28
N ASP B 336 -12.44 37.88 -3.15
CA ASP B 336 -13.63 37.47 -3.90
C ASP B 336 -14.76 36.99 -3.00
N LEU B 337 -14.42 36.26 -1.94
CA LEU B 337 -15.43 35.80 -0.99
C LEU B 337 -16.07 36.94 -0.19
N THR B 338 -15.28 37.91 0.23
CA THR B 338 -15.82 39.03 1.00
C THR B 338 -16.85 39.80 0.17
N ARG B 339 -16.65 39.90 -1.14
CA ARG B 339 -17.57 40.64 -2.00
C ARG B 339 -18.89 39.91 -2.29
N LEU B 340 -18.95 38.59 -2.05
CA LEU B 340 -20.24 37.88 -2.06
C LEU B 340 -20.72 37.63 -0.63
N GLN B 341 -20.59 38.66 0.21
CA GLN B 341 -21.19 38.71 1.54
C GLN B 341 -21.21 37.36 2.23
PG AGS C . 14.94 -18.70 -2.53
S1G AGS C . 14.11 -20.20 -1.42
O2G AGS C . 14.77 -17.40 -1.79
O3G AGS C . 14.48 -18.87 -3.96
PB AGS C . 17.46 -19.86 -3.37
O1B AGS C . 16.61 -20.77 -4.20
O2B AGS C . 18.50 -20.44 -2.44
O3B AGS C . 16.53 -18.90 -2.47
PA AGS C . 17.66 -17.98 -5.55
O1A AGS C . 16.45 -18.67 -6.12
O2A AGS C . 17.55 -16.56 -5.14
O3A AGS C . 18.24 -18.80 -4.28
O5' AGS C . 18.89 -18.16 -6.55
C5' AGS C . 20.07 -17.39 -6.51
C4' AGS C . 20.51 -17.36 -7.97
O4' AGS C . 20.90 -18.67 -8.37
C3' AGS C . 19.36 -16.98 -8.89
O3' AGS C . 19.32 -15.57 -9.11
C2' AGS C . 19.62 -17.72 -10.15
O2' AGS C . 20.45 -16.95 -11.01
C1' AGS C . 20.42 -18.90 -9.70
N9 AGS C . 19.61 -20.13 -9.69
C8 AGS C . 18.88 -20.62 -8.67
N7 AGS C . 18.30 -21.80 -9.00
C5 AGS C . 18.71 -22.03 -10.26
C6 AGS C . 18.49 -23.10 -11.21
N6 AGS C . 17.71 -24.13 -10.81
N1 AGS C . 19.07 -23.02 -12.43
C2 AGS C . 19.86 -21.97 -12.79
N3 AGS C . 20.11 -20.95 -11.96
C4 AGS C . 19.57 -20.95 -10.71
MG MG D . 14.99 -20.23 -5.60
C1 GOL E . 5.64 -18.62 13.13
O1 GOL E . 5.53 -18.92 11.73
C2 GOL E . 7.06 -18.18 13.47
O2 GOL E . 7.21 -16.78 13.25
C3 GOL E . 8.06 -18.96 12.64
O3 GOL E . 9.37 -18.83 13.19
C1 EDO F . 5.44 -17.17 -29.06
O1 EDO F . 5.62 -15.77 -28.82
C2 EDO F . 4.35 -17.72 -28.16
O2 EDO F . 4.79 -18.95 -27.57
C1 EDO G . 19.93 -13.67 -6.67
O1 EDO G . 20.83 -13.55 -5.56
C2 EDO G . 18.49 -13.98 -6.25
O2 EDO G . 18.38 -14.25 -4.84
C1 GOL H . 17.15 -25.40 -25.83
O1 GOL H . 16.10 -25.88 -26.68
C2 GOL H . 16.78 -24.02 -25.26
O2 GOL H . 17.83 -23.55 -24.45
C3 GOL H . 16.53 -22.97 -26.34
O3 GOL H . 15.69 -21.91 -25.88
C1 GOL I . 17.90 -7.98 -24.83
O1 GOL I . 17.52 -6.77 -24.16
C2 GOL I . 16.91 -8.36 -25.92
O2 GOL I . 16.45 -7.19 -26.58
C3 GOL I . 17.52 -9.26 -26.96
O3 GOL I . 18.53 -10.14 -26.42
C1 EDO J . 6.22 -36.71 -14.96
O1 EDO J . 5.34 -37.65 -15.57
C2 EDO J . 7.32 -36.35 -15.95
O2 EDO J . 8.25 -35.45 -15.34
PG AGS K . -7.01 12.66 9.65
S1G AGS K . -5.09 13.35 9.55
O2G AGS K . -7.93 13.86 9.82
O3G AGS K . -7.21 11.70 8.50
PB AGS K . -7.35 12.28 12.52
O1B AGS K . -6.38 11.49 13.38
O2B AGS K . -7.28 13.79 12.56
O3B AGS K . -7.08 11.75 11.00
PA AGS K . -10.20 12.41 12.27
O1A AGS K . -10.68 11.38 11.29
O2A AGS K . -10.02 13.84 11.83
O3A AGS K . -8.83 11.80 12.85
O5' AGS K . -11.10 12.36 13.58
C5' AGS K . -11.77 11.19 14.05
C4' AGS K . -12.93 11.73 14.88
O4' AGS K . -12.43 12.43 16.04
C3' AGS K . -13.72 12.75 14.09
O3' AGS K . -14.82 12.17 13.40
C2' AGS K . -14.21 13.73 15.13
O2' AGS K . -15.44 13.28 15.70
C1' AGS K . -13.15 13.65 16.20
N9 AGS K . -12.24 14.81 16.23
C8 AGS K . -11.04 14.97 15.62
N7 AGS K . -10.48 16.16 15.97
C5 AGS K . -11.33 16.76 16.82
C6 AGS K . -11.36 18.01 17.58
N6 AGS K . -10.35 18.89 17.49
N1 AGS K . -12.44 18.26 18.37
C2 AGS K . -13.46 17.39 18.48
N3 AGS K . -13.49 16.22 17.82
C4 AGS K . -12.47 15.86 17.00
MG MG L . -8.41 15.27 11.41
C1 GOL M . 0.22 24.71 24.99
O1 GOL M . -0.87 23.94 25.49
C2 GOL M . 1.30 23.79 24.46
O2 GOL M . 2.37 23.71 25.38
C3 GOL M . 1.87 24.12 23.09
O3 GOL M . 0.94 24.74 22.19
C1 EDO N . -4.99 33.96 17.51
O1 EDO N . -4.88 32.86 18.43
C2 EDO N . -3.85 34.95 17.78
O2 EDO N . -3.79 35.97 16.78
C1 EDO O . -7.43 10.59 4.52
O1 EDO O . -7.66 11.55 3.47
C2 EDO O . -6.17 9.78 4.19
O2 EDO O . -6.58 8.51 3.67
C1 EDO P . -21.70 27.21 20.81
O1 EDO P . -21.42 26.20 21.77
C2 EDO P . -23.12 27.04 20.27
O2 EDO P . -23.16 27.41 18.90
C1 GOL Q . 4.31 19.82 -4.75
O1 GOL Q . 3.18 19.63 -3.88
C2 GOL Q . 4.95 18.48 -5.09
O2 GOL Q . 3.94 17.58 -5.56
C3 GOL Q . 6.02 18.65 -6.17
O3 GOL Q . 6.94 19.68 -5.80
#